data_1VEN
#
_entry.id   1VEN
#
_cell.length_a   57.489
_cell.length_b   92.899
_cell.length_c   65.962
_cell.angle_alpha   90.00
_cell.angle_beta   102.36
_cell.angle_gamma   90.00
#
_symmetry.space_group_name_H-M   'P 1 21 1'
#
loop_
_entity.id
_entity.type
_entity.pdbx_description
1 polymer Beta-amylase
2 non-polymer alpha-D-glucopyranose
3 non-polymer 'CALCIUM ION'
4 water water
#
_entity_poly.entity_id   1
_entity_poly.type   'polypeptide(L)'
_entity_poly.pdbx_seq_one_letter_code
;AVNGKGMNPDYKAYLMAPLKKIPEVTNWETFENDLRWAKQNGFYAITVDFWWGDMEKNGDQQFDFSYAQRFAQSVKNAGM
KMIPIISTHQCGGNVGDDCNVPIPSWVWNQKSDDSLYFKSETGTVNKETLNPLASDVIRKEYGELYTAFAAAMKPYKDVI
AKIELSGGPAGELRYPSYTTSDGTGYPSRGKFQAYTEFAKSKFRLWVLNKYGSLNEVNKAWGTKLISELAILPPSDGEQF
LMNGYLSMYGKDYLEWYQGILENHTKLIGELAHNAFDTTFQVPIGAKIAGVHWQYNNPTIPHGAEKPAGYNDYSHLLDAF
KSAKLDVTFTCLEMTDKGSYPEYSMPKTLVQNIATLANEKGIVLNGENALSIGNEEEYKRVAEMAFNYNFAGFTLLRYQD
VMYNNSLMGKFKDLLGVTPVMQTIVVKNVPTTIGDTVYITGNRAELGSWDTKQYPIQLYYDSHSNDWRGNVVLPAERNIE
FKAFIKSKDGTVKSWQTIQQSWNPVPLKTTSHTSSW
;
_entity_poly.pdbx_strand_id   A
#
# COMPACT_ATOMS: atom_id res chain seq x y z
N ALA A 1 -3.51 -18.26 9.15
CA ALA A 1 -3.18 -17.47 7.94
C ALA A 1 -2.81 -18.41 6.79
N VAL A 2 -2.44 -17.83 5.64
CA VAL A 2 -2.08 -18.63 4.47
C VAL A 2 -0.76 -19.36 4.72
N ASN A 3 -0.65 -20.57 4.18
CA ASN A 3 0.57 -21.38 4.33
C ASN A 3 0.77 -21.92 5.75
N GLY A 4 -0.33 -22.16 6.46
CA GLY A 4 -0.25 -22.69 7.82
C GLY A 4 0.36 -21.78 8.86
N LYS A 5 0.60 -20.53 8.51
CA LYS A 5 1.19 -19.56 9.42
C LYS A 5 0.11 -18.76 10.16
N GLY A 6 0.53 -17.89 11.07
CA GLY A 6 -0.41 -17.08 11.82
C GLY A 6 -0.27 -15.62 11.43
N MET A 7 -0.72 -14.70 12.28
CA MET A 7 -0.61 -13.28 11.96
C MET A 7 0.83 -12.81 12.11
N ASN A 8 1.14 -11.67 11.53
CA ASN A 8 2.48 -11.12 11.61
C ASN A 8 2.72 -10.58 13.01
N PRO A 9 3.73 -11.12 13.71
CA PRO A 9 4.10 -10.69 15.07
C PRO A 9 4.47 -9.21 15.20
N ASP A 10 4.76 -8.57 14.07
CA ASP A 10 5.13 -7.15 14.11
C ASP A 10 3.95 -6.24 13.79
N TYR A 11 2.76 -6.81 13.62
CA TYR A 11 1.58 -6.01 13.29
C TYR A 11 1.38 -4.79 14.18
N LYS A 12 1.10 -3.66 13.55
CA LYS A 12 0.83 -2.42 14.26
C LYS A 12 -0.22 -1.65 13.50
N ALA A 13 -1.06 -0.91 14.22
CA ALA A 13 -2.13 -0.12 13.60
C ALA A 13 -1.77 1.36 13.65
N TYR A 14 -2.09 2.07 12.56
CA TYR A 14 -1.79 3.50 12.45
C TYR A 14 -3.05 4.29 12.14
N LEU A 15 -3.06 5.56 12.48
CA LEU A 15 -4.22 6.44 12.24
C LEU A 15 -3.82 7.58 11.29
N MET A 16 -4.55 7.74 10.18
CA MET A 16 -4.24 8.82 9.26
C MET A 16 -4.82 10.13 9.77
N ALA A 17 -3.97 11.15 9.84
CA ALA A 17 -4.37 12.48 10.29
C ALA A 17 -5.25 13.17 9.24
N PRO A 18 -5.86 14.31 9.59
CA PRO A 18 -6.71 15.03 8.63
C PRO A 18 -5.87 15.60 7.48
N LEU A 19 -6.52 16.02 6.40
CA LEU A 19 -5.81 16.61 5.28
C LEU A 19 -5.41 18.04 5.64
N LYS A 20 -6.31 18.73 6.33
CA LYS A 20 -6.05 20.10 6.77
C LYS A 20 -5.14 20.09 8.00
N LYS A 21 -4.39 21.16 8.19
CA LYS A 21 -3.50 21.24 9.33
C LYS A 21 -4.32 21.20 10.62
N ILE A 22 -3.73 20.67 11.68
CA ILE A 22 -4.44 20.54 12.96
C ILE A 22 -5.07 21.84 13.45
N PRO A 23 -4.33 22.97 13.38
CA PRO A 23 -4.88 24.25 13.83
C PRO A 23 -6.12 24.69 13.05
N GLU A 24 -6.39 24.05 11.92
CA GLU A 24 -7.55 24.38 11.10
C GLU A 24 -8.71 23.44 11.43
N VAL A 25 -8.48 22.54 12.38
CA VAL A 25 -9.46 21.57 12.81
C VAL A 25 -9.82 21.77 14.28
N THR A 26 -8.81 21.75 15.14
CA THR A 26 -9.01 21.94 16.56
C THR A 26 -7.74 22.57 17.12
N ASN A 27 -7.59 22.60 18.44
CA ASN A 27 -6.38 23.19 19.03
C ASN A 27 -5.40 22.07 19.36
N TRP A 28 -4.17 22.43 19.67
CA TRP A 28 -3.15 21.42 19.98
C TRP A 28 -3.40 20.61 21.24
N GLU A 29 -4.02 21.22 22.25
CA GLU A 29 -4.30 20.50 23.49
C GLU A 29 -5.28 19.35 23.26
N THR A 30 -6.38 19.66 22.59
CA THR A 30 -7.39 18.64 22.29
C THR A 30 -6.74 17.57 21.40
N PHE A 31 -5.87 18.02 20.50
CA PHE A 31 -5.18 17.10 19.61
C PHE A 31 -4.35 16.11 20.42
N GLU A 32 -3.63 16.62 21.40
CA GLU A 32 -2.82 15.76 22.25
C GLU A 32 -3.67 14.74 22.99
N ASN A 33 -4.84 15.17 23.46
CA ASN A 33 -5.75 14.26 24.16
C ASN A 33 -6.35 13.26 23.18
N ASP A 34 -6.56 13.69 21.94
CA ASP A 34 -7.12 12.80 20.92
C ASP A 34 -6.11 11.67 20.65
N LEU A 35 -4.83 12.01 20.70
CA LEU A 35 -3.79 11.02 20.46
C LEU A 35 -3.69 10.01 21.61
N ARG A 36 -3.81 10.51 22.84
CA ARG A 36 -3.75 9.62 24.00
C ARG A 36 -4.93 8.65 23.95
N TRP A 37 -6.07 9.15 23.50
CA TRP A 37 -7.27 8.32 23.36
C TRP A 37 -7.00 7.27 22.26
N ALA A 38 -6.39 7.70 21.16
CA ALA A 38 -6.08 6.79 20.05
C ALA A 38 -5.15 5.67 20.52
N LYS A 39 -4.16 6.03 21.31
CA LYS A 39 -3.20 5.06 21.81
C LYS A 39 -3.91 4.03 22.69
N GLN A 40 -4.87 4.48 23.50
CA GLN A 40 -5.63 3.58 24.36
C GLN A 40 -6.40 2.56 23.54
N ASN A 41 -6.71 2.90 22.29
CA ASN A 41 -7.47 2.01 21.44
C ASN A 41 -6.64 1.16 20.48
N GLY A 42 -5.35 1.05 20.74
CA GLY A 42 -4.50 0.24 19.90
C GLY A 42 -3.69 0.88 18.78
N PHE A 43 -3.78 2.19 18.61
CA PHE A 43 -3.03 2.84 17.55
C PHE A 43 -1.60 3.10 18.02
N TYR A 44 -0.65 2.69 17.21
CA TYR A 44 0.77 2.85 17.53
C TYR A 44 1.32 4.21 17.13
N ALA A 45 0.86 4.74 15.99
CA ALA A 45 1.32 6.03 15.52
C ALA A 45 0.32 6.74 14.60
N ILE A 46 0.55 8.02 14.41
CA ILE A 46 -0.30 8.81 13.53
C ILE A 46 0.56 9.16 12.32
N THR A 47 0.04 8.86 11.14
CA THR A 47 0.75 9.16 9.91
C THR A 47 0.17 10.47 9.40
N VAL A 48 1.02 11.33 8.86
CA VAL A 48 0.57 12.65 8.42
C VAL A 48 1.26 13.19 7.18
N ASP A 49 0.50 13.90 6.35
CA ASP A 49 1.04 14.51 5.14
C ASP A 49 1.73 15.83 5.45
N PHE A 50 2.97 15.98 5.00
CA PHE A 50 3.68 17.24 5.13
C PHE A 50 3.83 17.65 3.67
N TRP A 51 3.02 18.63 3.26
CA TRP A 51 2.97 19.12 1.89
C TRP A 51 4.17 19.92 1.42
N TRP A 52 4.68 19.56 0.24
CA TRP A 52 5.81 20.25 -0.34
C TRP A 52 5.38 21.71 -0.58
N GLY A 53 4.11 21.88 -0.96
CA GLY A 53 3.58 23.21 -1.20
C GLY A 53 3.64 24.10 0.03
N ASP A 54 3.83 23.50 1.20
CA ASP A 54 3.93 24.25 2.44
C ASP A 54 5.38 24.43 2.89
N MET A 55 6.19 23.40 2.71
CA MET A 55 7.58 23.44 3.15
C MET A 55 8.60 24.18 2.30
N GLU A 56 8.27 24.48 1.04
CA GLU A 56 9.20 25.19 0.17
C GLU A 56 8.38 26.06 -0.78
N LYS A 57 7.42 26.79 -0.21
CA LYS A 57 6.51 27.64 -0.95
C LYS A 57 7.06 28.87 -1.67
N ASN A 58 7.75 29.75 -0.93
CA ASN A 58 8.27 30.98 -1.50
C ASN A 58 9.20 30.81 -2.69
N GLY A 59 10.18 29.90 -2.56
CA GLY A 59 11.09 29.70 -3.65
C GLY A 59 12.07 28.58 -3.36
N ASP A 60 12.91 28.28 -4.35
CA ASP A 60 13.90 27.23 -4.20
C ASP A 60 14.78 27.47 -2.97
N GLN A 61 14.84 26.45 -2.11
CA GLN A 61 15.64 26.49 -0.88
C GLN A 61 15.13 27.44 0.20
N GLN A 62 13.92 27.95 0.03
CA GLN A 62 13.30 28.82 1.04
C GLN A 62 12.34 27.92 1.81
N PHE A 63 12.89 27.19 2.77
CA PHE A 63 12.14 26.23 3.56
C PHE A 63 11.42 26.77 4.79
N ASP A 64 10.41 26.00 5.20
CA ASP A 64 9.62 26.34 6.38
C ASP A 64 9.12 25.02 6.94
N PHE A 65 9.76 24.56 8.01
CA PHE A 65 9.39 23.30 8.65
C PHE A 65 8.77 23.53 10.01
N SER A 66 8.39 24.77 10.31
CA SER A 66 7.80 25.10 11.61
C SER A 66 6.53 24.29 11.92
N TYR A 67 5.65 24.14 10.94
CA TYR A 67 4.44 23.36 11.19
C TYR A 67 4.79 21.91 11.51
N ALA A 68 5.68 21.32 10.70
CA ALA A 68 6.06 19.94 10.92
C ALA A 68 6.69 19.77 12.31
N GLN A 69 7.42 20.79 12.76
CA GLN A 69 8.07 20.72 14.06
C GLN A 69 7.05 20.85 15.19
N ARG A 70 6.08 21.75 15.04
CA ARG A 70 5.08 21.94 16.08
C ARG A 70 4.21 20.70 16.20
N PHE A 71 3.92 20.06 15.07
CA PHE A 71 3.12 18.85 15.06
C PHE A 71 3.87 17.76 15.82
N ALA A 72 5.15 17.59 15.48
CA ALA A 72 5.98 16.57 16.13
C ALA A 72 6.09 16.82 17.62
N GLN A 73 6.21 18.09 18.02
CA GLN A 73 6.31 18.43 19.44
C GLN A 73 5.10 17.90 20.20
N SER A 74 3.91 18.07 19.63
CA SER A 74 2.68 17.60 20.28
C SER A 74 2.56 16.09 20.30
N VAL A 75 3.05 15.43 19.25
CA VAL A 75 3.01 13.98 19.21
C VAL A 75 3.87 13.48 20.37
N LYS A 76 4.98 14.18 20.62
CA LYS A 76 5.87 13.82 21.70
C LYS A 76 5.16 14.00 23.04
N ASN A 77 4.53 15.15 23.23
CA ASN A 77 3.82 15.44 24.48
C ASN A 77 2.78 14.37 24.80
N ALA A 78 2.19 13.79 23.77
CA ALA A 78 1.17 12.77 23.96
C ALA A 78 1.77 11.38 24.14
N GLY A 79 3.08 11.28 23.93
CA GLY A 79 3.75 9.99 24.07
C GLY A 79 3.43 9.02 22.95
N MET A 80 3.19 9.56 21.76
CA MET A 80 2.88 8.77 20.58
C MET A 80 4.03 8.80 19.60
N LYS A 81 3.85 8.10 18.49
CA LYS A 81 4.85 8.06 17.43
C LYS A 81 4.15 8.60 16.18
N MET A 82 4.95 9.05 15.22
CA MET A 82 4.39 9.57 13.99
C MET A 82 5.11 9.01 12.78
N ILE A 83 4.41 9.01 11.66
CA ILE A 83 4.93 8.53 10.41
C ILE A 83 4.70 9.63 9.40
N PRO A 84 5.72 10.45 9.14
CA PRO A 84 5.52 11.53 8.17
C PRO A 84 5.52 11.04 6.73
N ILE A 85 4.67 11.64 5.92
CA ILE A 85 4.61 11.34 4.50
C ILE A 85 5.16 12.61 3.86
N ILE A 86 6.27 12.51 3.15
CA ILE A 86 6.82 13.69 2.49
C ILE A 86 6.06 13.79 1.20
N SER A 87 4.90 14.46 1.27
CA SER A 87 4.02 14.61 0.13
C SER A 87 4.41 15.65 -0.91
N THR A 88 5.13 15.20 -1.91
CA THR A 88 5.57 16.06 -2.98
C THR A 88 4.54 16.08 -4.11
N HIS A 89 3.27 15.92 -3.74
CA HIS A 89 2.18 15.95 -4.71
C HIS A 89 1.15 16.97 -4.23
N GLN A 90 0.20 17.31 -5.10
CA GLN A 90 -0.84 18.28 -4.76
C GLN A 90 -1.96 17.72 -3.89
N CYS A 91 -2.42 18.55 -2.94
CA CYS A 91 -3.54 18.17 -2.08
C CYS A 91 -4.73 18.91 -2.66
N GLY A 92 -5.79 18.17 -3.00
CA GLY A 92 -6.97 18.81 -3.55
C GLY A 92 -7.17 18.40 -4.99
N GLY A 93 -8.41 18.04 -5.34
CA GLY A 93 -8.69 17.63 -6.71
C GLY A 93 -8.91 16.13 -6.81
N ASN A 94 -8.50 15.40 -5.79
CA ASN A 94 -8.67 13.95 -5.75
C ASN A 94 -9.88 13.59 -4.89
N VAL A 95 -10.33 12.33 -5.00
CA VAL A 95 -11.49 11.86 -4.25
C VAL A 95 -11.26 11.96 -2.75
N GLY A 96 -12.13 12.71 -2.07
CA GLY A 96 -12.02 12.87 -0.63
C GLY A 96 -11.15 14.04 -0.18
N ASP A 97 -10.52 14.70 -1.14
CA ASP A 97 -9.65 15.83 -0.83
C ASP A 97 -10.44 17.07 -0.37
N ASP A 98 -10.05 17.56 0.80
CA ASP A 98 -10.66 18.73 1.42
C ASP A 98 -9.48 19.63 1.80
N CYS A 99 -8.79 20.12 0.78
CA CYS A 99 -7.60 20.95 0.94
C CYS A 99 -7.29 21.54 -0.42
N ASN A 100 -6.28 22.40 -0.45
CA ASN A 100 -5.83 23.01 -1.68
C ASN A 100 -4.37 23.38 -1.48
N VAL A 101 -3.47 22.43 -1.71
CA VAL A 101 -2.06 22.69 -1.54
C VAL A 101 -1.27 22.16 -2.73
N PRO A 102 -1.17 22.98 -3.79
CA PRO A 102 -0.42 22.57 -4.97
C PRO A 102 1.06 22.59 -4.64
N ILE A 103 1.88 21.97 -5.49
CA ILE A 103 3.31 21.97 -5.24
C ILE A 103 3.79 23.39 -5.60
N PRO A 104 4.92 23.83 -5.03
CA PRO A 104 5.46 25.16 -5.31
C PRO A 104 5.33 25.56 -6.79
N SER A 105 4.74 26.73 -7.03
CA SER A 105 4.53 27.20 -8.39
C SER A 105 5.81 27.53 -9.14
N TRP A 106 6.89 27.81 -8.41
CA TRP A 106 8.16 28.15 -9.04
C TRP A 106 8.87 26.95 -9.68
N VAL A 107 8.55 25.74 -9.24
CA VAL A 107 9.18 24.56 -9.79
C VAL A 107 8.88 24.44 -11.29
N TRP A 108 7.71 24.92 -11.71
CA TRP A 108 7.32 24.84 -13.11
C TRP A 108 8.13 25.71 -14.06
N ASN A 109 8.81 26.71 -13.51
CA ASN A 109 9.60 27.60 -14.35
C ASN A 109 11.05 27.15 -14.52
N GLN A 110 11.38 25.97 -14.01
CA GLN A 110 12.75 25.49 -14.14
C GLN A 110 13.03 24.76 -15.46
N LYS A 111 12.01 24.68 -16.32
CA LYS A 111 12.14 24.01 -17.62
C LYS A 111 11.30 24.77 -18.67
N SER A 112 11.81 24.84 -19.89
CA SER A 112 11.12 25.53 -20.97
C SER A 112 10.33 24.55 -21.82
N ASP A 113 10.67 23.27 -21.74
CA ASP A 113 9.97 22.24 -22.51
C ASP A 113 8.75 21.80 -21.72
N ASP A 114 8.20 20.64 -22.07
CA ASP A 114 7.02 20.13 -21.39
C ASP A 114 7.40 18.83 -20.70
N SER A 115 8.61 18.81 -20.14
CA SER A 115 9.13 17.64 -19.46
C SER A 115 8.63 17.45 -18.03
N LEU A 116 8.16 18.52 -17.42
CA LEU A 116 7.70 18.51 -16.03
C LEU A 116 6.28 18.02 -15.74
N TYR A 117 5.38 18.06 -16.71
CA TYR A 117 4.02 17.63 -16.46
C TYR A 117 3.53 16.50 -17.36
N PHE A 118 2.23 16.20 -17.25
CA PHE A 118 1.63 15.13 -18.04
C PHE A 118 0.62 15.66 -19.05
N LYS A 119 0.40 14.89 -20.11
CA LYS A 119 -0.54 15.23 -21.17
C LYS A 119 -1.17 13.91 -21.59
N SER A 120 -2.50 13.82 -21.52
CA SER A 120 -3.22 12.59 -21.85
C SER A 120 -3.45 12.38 -23.34
N GLU A 121 -4.03 11.21 -23.65
CA GLU A 121 -4.34 10.83 -25.01
C GLU A 121 -5.09 11.94 -25.73
N THR A 122 -5.87 12.72 -24.99
CA THR A 122 -6.65 13.79 -25.58
C THR A 122 -6.20 15.21 -25.25
N GLY A 123 -4.96 15.37 -24.82
CA GLY A 123 -4.44 16.70 -24.55
C GLY A 123 -4.60 17.31 -23.17
N THR A 124 -5.30 16.63 -22.27
CA THR A 124 -5.48 17.17 -20.93
C THR A 124 -4.16 17.27 -20.19
N VAL A 125 -3.81 18.46 -19.74
CA VAL A 125 -2.56 18.67 -19.00
C VAL A 125 -2.81 18.41 -17.52
N ASN A 126 -1.85 17.80 -16.85
CA ASN A 126 -1.95 17.52 -15.42
C ASN A 126 -0.68 17.98 -14.74
N LYS A 127 -0.83 18.69 -13.62
CA LYS A 127 0.30 19.20 -12.87
C LYS A 127 0.21 18.92 -11.37
N GLU A 128 -0.40 17.78 -11.01
CA GLU A 128 -0.54 17.41 -9.60
C GLU A 128 0.79 17.02 -9.00
N THR A 129 1.72 16.61 -9.87
CA THR A 129 3.02 16.14 -9.41
C THR A 129 4.00 16.19 -10.59
N LEU A 130 5.30 16.23 -10.29
CA LEU A 130 6.31 16.26 -11.35
C LEU A 130 6.34 14.95 -12.12
N ASN A 131 6.47 15.04 -13.43
CA ASN A 131 6.54 13.87 -14.29
C ASN A 131 7.85 13.16 -13.95
N PRO A 132 7.76 11.87 -13.58
CA PRO A 132 8.94 11.06 -13.21
C PRO A 132 9.98 10.96 -14.33
N LEU A 133 9.62 11.44 -15.52
CA LEU A 133 10.51 11.43 -16.67
C LEU A 133 11.62 12.46 -16.43
N ALA A 134 11.27 13.54 -15.73
CA ALA A 134 12.20 14.63 -15.40
C ALA A 134 13.05 14.26 -14.19
N SER A 135 13.85 13.22 -14.33
CA SER A 135 14.71 12.73 -13.26
C SER A 135 15.78 13.70 -12.80
N ASP A 136 16.16 14.65 -13.66
CA ASP A 136 17.18 15.59 -13.27
C ASP A 136 16.61 16.60 -12.28
N VAL A 137 15.39 17.05 -12.53
CA VAL A 137 14.73 18.00 -11.63
C VAL A 137 14.34 17.29 -10.33
N ILE A 138 13.79 16.09 -10.45
CA ILE A 138 13.40 15.31 -9.29
C ILE A 138 14.61 15.04 -8.40
N ARG A 139 15.72 14.69 -9.01
CA ARG A 139 16.94 14.41 -8.24
C ARG A 139 17.38 15.63 -7.45
N LYS A 140 17.28 16.81 -8.07
CA LYS A 140 17.66 18.05 -7.42
C LYS A 140 16.70 18.45 -6.30
N GLU A 141 15.42 18.61 -6.61
CA GLU A 141 14.44 19.03 -5.62
C GLU A 141 14.14 18.04 -4.50
N TYR A 142 13.84 16.78 -4.84
CA TYR A 142 13.55 15.80 -3.80
C TYR A 142 14.79 15.64 -2.95
N GLY A 143 15.95 15.65 -3.60
CA GLY A 143 17.21 15.50 -2.88
C GLY A 143 17.35 16.58 -1.83
N GLU A 144 17.19 17.84 -2.24
CA GLU A 144 17.30 18.98 -1.34
C GLU A 144 16.20 18.97 -0.28
N LEU A 145 14.98 18.61 -0.67
CA LEU A 145 13.87 18.58 0.27
C LEU A 145 14.07 17.55 1.39
N TYR A 146 14.41 16.32 1.03
CA TYR A 146 14.63 15.27 2.02
C TYR A 146 15.72 15.63 3.03
N THR A 147 16.88 16.05 2.51
CA THR A 147 18.00 16.41 3.37
C THR A 147 17.65 17.55 4.31
N ALA A 148 16.94 18.56 3.81
CA ALA A 148 16.56 19.69 4.64
C ALA A 148 15.57 19.23 5.71
N PHE A 149 14.66 18.33 5.34
CA PHE A 149 13.67 17.80 6.27
C PHE A 149 14.34 17.00 7.38
N ALA A 150 15.34 16.20 7.00
CA ALA A 150 16.07 15.38 7.97
C ALA A 150 16.78 16.28 8.97
N ALA A 151 17.37 17.37 8.49
CA ALA A 151 18.09 18.28 9.37
C ALA A 151 17.13 18.95 10.36
N ALA A 152 16.01 19.46 9.86
CA ALA A 152 15.02 20.15 10.70
C ALA A 152 14.28 19.25 11.69
N MET A 153 14.14 17.97 11.36
CA MET A 153 13.43 17.03 12.22
C MET A 153 14.37 16.16 13.05
N LYS A 154 15.66 16.44 12.98
CA LYS A 154 16.63 15.66 13.74
C LYS A 154 16.30 15.62 15.23
N PRO A 155 15.83 16.75 15.79
CA PRO A 155 15.48 16.80 17.21
C PRO A 155 14.31 15.89 17.59
N TYR A 156 13.58 15.42 16.60
CA TYR A 156 12.42 14.57 16.86
C TYR A 156 12.56 13.15 16.33
N LYS A 157 13.79 12.66 16.23
CA LYS A 157 14.00 11.32 15.71
C LYS A 157 13.38 10.23 16.58
N ASP A 158 13.25 10.51 17.87
CA ASP A 158 12.69 9.53 18.79
C ASP A 158 11.19 9.30 18.65
N VAL A 159 10.49 10.18 17.96
CA VAL A 159 9.05 9.99 17.75
C VAL A 159 8.72 9.57 16.33
N ILE A 160 9.74 9.52 15.46
CA ILE A 160 9.56 9.10 14.08
C ILE A 160 9.76 7.60 13.96
N ALA A 161 8.69 6.87 13.73
CA ALA A 161 8.77 5.42 13.60
C ALA A 161 9.01 4.94 12.19
N LYS A 162 8.70 5.78 11.20
CA LYS A 162 8.87 5.41 9.80
C LYS A 162 8.69 6.62 8.91
N ILE A 163 9.18 6.54 7.68
CA ILE A 163 9.06 7.65 6.75
C ILE A 163 8.44 7.19 5.43
N GLU A 164 7.34 7.81 5.03
CA GLU A 164 6.66 7.47 3.78
C GLU A 164 6.98 8.49 2.70
N LEU A 165 7.16 8.01 1.48
CA LEU A 165 7.48 8.87 0.34
C LEU A 165 6.31 8.93 -0.62
N SER A 166 6.22 10.04 -1.36
CA SER A 166 5.15 10.21 -2.34
C SER A 166 5.74 9.92 -3.73
N GLY A 167 5.17 8.92 -4.41
CA GLY A 167 5.67 8.56 -5.72
C GLY A 167 4.85 9.07 -6.88
N GLY A 168 3.86 9.91 -6.60
CA GLY A 168 3.03 10.44 -7.66
C GLY A 168 1.74 11.03 -7.12
N PRO A 169 0.70 11.13 -7.96
CA PRO A 169 -0.60 11.68 -7.61
C PRO A 169 -1.13 11.04 -6.35
N ALA A 170 -1.66 11.86 -5.44
CA ALA A 170 -2.22 11.36 -4.19
C ALA A 170 -1.21 10.54 -3.39
N GLY A 171 0.07 10.79 -3.62
CA GLY A 171 1.11 10.07 -2.91
C GLY A 171 1.29 8.62 -3.31
N GLU A 172 0.76 8.25 -4.48
CA GLU A 172 0.85 6.87 -4.96
C GLU A 172 1.76 6.80 -6.20
N LEU A 173 2.50 5.69 -6.34
CA LEU A 173 3.40 5.51 -7.47
C LEU A 173 2.59 5.10 -8.69
N ARG A 174 2.24 6.10 -9.51
CA ARG A 174 1.43 5.84 -10.70
C ARG A 174 1.31 7.10 -11.53
N TYR A 175 0.61 6.98 -12.66
CA TYR A 175 0.34 8.09 -13.55
C TYR A 175 -1.05 8.63 -13.17
N PRO A 176 -1.33 9.92 -13.45
CA PRO A 176 -2.65 10.46 -13.12
C PRO A 176 -3.63 10.13 -14.24
N SER A 177 -3.88 8.83 -14.41
CA SER A 177 -4.75 8.34 -15.47
C SER A 177 -6.26 8.40 -15.20
N TYR A 178 -6.66 8.64 -13.95
CA TYR A 178 -8.08 8.76 -13.63
C TYR A 178 -8.39 10.08 -12.92
N THR A 179 -8.89 11.04 -13.68
CA THR A 179 -9.24 12.35 -13.17
C THR A 179 -10.52 12.85 -13.82
N THR A 180 -11.20 13.77 -13.14
CA THR A 180 -12.44 14.35 -13.64
C THR A 180 -12.27 15.14 -14.92
N SER A 181 -11.29 16.03 -14.94
CA SER A 181 -11.05 16.87 -16.12
C SER A 181 -10.65 16.11 -17.38
N ASP A 182 -10.09 14.92 -17.22
CA ASP A 182 -9.67 14.13 -18.38
C ASP A 182 -10.78 13.18 -18.79
N GLY A 183 -11.87 13.19 -18.03
CA GLY A 183 -13.01 12.32 -18.34
C GLY A 183 -12.69 10.85 -18.08
N THR A 184 -11.83 10.59 -17.11
CA THR A 184 -11.45 9.22 -16.79
C THR A 184 -11.69 8.87 -15.33
N GLY A 185 -12.60 9.59 -14.67
CA GLY A 185 -12.91 9.29 -13.28
C GLY A 185 -13.54 7.92 -13.13
N TYR A 186 -13.47 7.35 -11.93
CA TYR A 186 -14.04 6.03 -11.66
C TYR A 186 -15.49 6.00 -12.16
N PRO A 187 -15.92 4.89 -12.79
CA PRO A 187 -15.18 3.66 -13.09
C PRO A 187 -14.74 3.56 -14.55
N SER A 188 -14.50 4.69 -15.19
CA SER A 188 -14.11 4.70 -16.60
C SER A 188 -12.71 4.14 -16.85
N ARG A 189 -12.43 3.79 -18.10
CA ARG A 189 -11.10 3.28 -18.42
C ARG A 189 -10.17 4.48 -18.21
N GLY A 190 -8.89 4.23 -18.03
CA GLY A 190 -7.96 5.33 -17.85
C GLY A 190 -7.39 5.72 -19.20
N LYS A 191 -6.72 6.88 -19.27
CA LYS A 191 -6.09 7.35 -20.49
C LYS A 191 -4.58 7.37 -20.23
N PHE A 192 -3.78 6.99 -21.20
CA PHE A 192 -2.33 7.01 -21.03
C PHE A 192 -1.87 8.45 -20.90
N GLN A 193 -0.83 8.67 -20.10
CA GLN A 193 -0.31 10.00 -19.84
C GLN A 193 1.10 10.22 -20.36
N ALA A 194 1.34 9.89 -21.62
CA ALA A 194 2.67 10.07 -22.18
C ALA A 194 2.60 10.79 -23.52
N TYR A 195 1.85 11.89 -23.58
CA TYR A 195 1.74 12.61 -24.84
C TYR A 195 2.41 13.98 -24.93
N THR A 196 3.27 14.29 -23.98
CA THR A 196 4.02 15.55 -24.03
C THR A 196 5.08 15.27 -25.09
N GLU A 197 5.68 16.31 -25.65
CA GLU A 197 6.71 16.08 -26.67
C GLU A 197 7.87 15.31 -26.05
N PHE A 198 8.18 15.67 -24.81
CA PHE A 198 9.29 15.06 -24.07
C PHE A 198 9.08 13.56 -23.89
N ALA A 199 7.86 13.17 -23.51
CA ALA A 199 7.54 11.77 -23.31
C ALA A 199 7.65 11.00 -24.64
N LYS A 200 7.17 11.61 -25.71
CA LYS A 200 7.21 10.97 -27.03
C LYS A 200 8.63 10.73 -27.50
N SER A 201 9.53 11.69 -27.28
CA SER A 201 10.91 11.50 -27.70
C SER A 201 11.63 10.51 -26.80
N LYS A 202 11.31 10.49 -25.51
CA LYS A 202 11.96 9.55 -24.61
C LYS A 202 11.59 8.13 -25.03
N PHE A 203 10.33 7.91 -25.37
CA PHE A 203 9.91 6.58 -25.80
C PHE A 203 10.67 6.25 -27.08
N ARG A 204 10.66 7.18 -28.03
CA ARG A 204 11.34 6.99 -29.30
C ARG A 204 12.82 6.62 -29.13
N LEU A 205 13.51 7.34 -28.24
CA LEU A 205 14.92 7.07 -27.97
C LEU A 205 15.11 5.70 -27.32
N TRP A 206 14.22 5.36 -26.39
CA TRP A 206 14.28 4.08 -25.71
C TRP A 206 14.14 2.94 -26.71
N VAL A 207 13.19 3.07 -27.63
CA VAL A 207 12.97 2.04 -28.64
C VAL A 207 14.22 1.88 -29.49
N LEU A 208 14.73 3.00 -30.00
CA LEU A 208 15.91 3.01 -30.84
C LEU A 208 17.14 2.46 -30.12
N ASN A 209 17.19 2.65 -28.80
CA ASN A 209 18.32 2.15 -28.04
C ASN A 209 18.25 0.65 -27.95
N LYS A 210 17.04 0.13 -27.77
CA LYS A 210 16.85 -1.31 -27.65
C LYS A 210 17.06 -2.05 -28.97
N TYR A 211 16.67 -1.43 -30.09
CA TYR A 211 16.79 -2.09 -31.38
C TYR A 211 17.89 -1.59 -32.30
N GLY A 212 18.48 -0.46 -31.96
CA GLY A 212 19.56 0.08 -32.76
C GLY A 212 19.08 1.02 -33.86
N SER A 213 18.32 0.49 -34.80
CA SER A 213 17.82 1.28 -35.93
C SER A 213 16.34 1.02 -36.26
N LEU A 214 15.74 1.96 -36.97
CA LEU A 214 14.33 1.84 -37.38
C LEU A 214 14.12 0.53 -38.13
N ASN A 215 15.17 0.04 -38.78
CA ASN A 215 15.06 -1.19 -39.54
C ASN A 215 14.82 -2.37 -38.60
N GLU A 216 15.54 -2.41 -37.49
CA GLU A 216 15.38 -3.49 -36.53
C GLU A 216 14.04 -3.33 -35.79
N VAL A 217 13.59 -2.10 -35.65
CA VAL A 217 12.31 -1.84 -34.99
C VAL A 217 11.22 -2.48 -35.84
N ASN A 218 11.14 -2.07 -37.11
CA ASN A 218 10.14 -2.62 -38.01
C ASN A 218 10.18 -4.13 -38.03
N LYS A 219 11.37 -4.71 -37.97
CA LYS A 219 11.51 -6.16 -37.99
C LYS A 219 10.97 -6.79 -36.71
N ALA A 220 11.19 -6.13 -35.58
CA ALA A 220 10.72 -6.67 -34.29
C ALA A 220 9.22 -6.52 -34.11
N TRP A 221 8.67 -5.38 -34.53
CA TRP A 221 7.23 -5.10 -34.40
C TRP A 221 6.41 -5.63 -35.56
N GLY A 222 7.08 -5.98 -36.65
CA GLY A 222 6.37 -6.46 -37.82
C GLY A 222 5.64 -5.30 -38.47
N THR A 223 6.18 -4.11 -38.29
CA THR A 223 5.58 -2.90 -38.82
C THR A 223 6.29 -2.41 -40.09
N LYS A 224 5.80 -1.29 -40.61
CA LYS A 224 6.38 -0.71 -41.81
C LYS A 224 6.47 0.80 -41.64
N LEU A 225 7.01 1.23 -40.51
CA LEU A 225 7.17 2.66 -40.21
C LEU A 225 8.05 3.32 -41.27
N ILE A 226 7.61 4.48 -41.73
CA ILE A 226 8.33 5.21 -42.77
C ILE A 226 9.53 6.01 -42.25
N SER A 227 9.50 6.38 -40.98
CA SER A 227 10.59 7.13 -40.38
C SER A 227 10.53 7.07 -38.86
N GLU A 228 11.66 7.37 -38.22
CA GLU A 228 11.76 7.37 -36.78
C GLU A 228 10.63 8.16 -36.08
N LEU A 229 10.15 9.22 -36.74
CA LEU A 229 9.10 10.03 -36.16
C LEU A 229 7.78 9.26 -36.02
N ALA A 230 7.66 8.15 -36.75
CA ALA A 230 6.46 7.33 -36.69
C ALA A 230 6.39 6.50 -35.40
N ILE A 231 7.49 6.47 -34.65
CA ILE A 231 7.52 5.73 -33.39
C ILE A 231 6.81 6.63 -32.38
N LEU A 232 5.62 6.23 -31.96
CA LEU A 232 4.81 7.03 -31.03
C LEU A 232 4.00 6.19 -30.05
N PRO A 233 3.44 6.85 -29.01
CA PRO A 233 2.63 6.13 -28.02
C PRO A 233 1.35 5.81 -28.78
N PRO A 234 0.47 4.98 -28.20
CA PRO A 234 -0.78 4.63 -28.88
C PRO A 234 -1.60 5.86 -29.28
N SER A 235 -2.14 5.85 -30.49
CA SER A 235 -2.95 6.94 -31.00
C SER A 235 -4.37 6.82 -30.47
N ASP A 236 -4.78 5.58 -30.23
CA ASP A 236 -6.11 5.26 -29.73
C ASP A 236 -5.93 4.37 -28.49
N GLY A 237 -6.09 4.95 -27.31
CA GLY A 237 -5.92 4.19 -26.09
C GLY A 237 -6.87 3.01 -25.97
N GLU A 238 -8.11 3.20 -26.39
CA GLU A 238 -9.12 2.15 -26.32
C GLU A 238 -8.81 0.98 -27.24
N GLN A 239 -8.40 1.26 -28.47
CA GLN A 239 -8.05 0.19 -29.40
C GLN A 239 -6.80 -0.53 -28.86
N PHE A 240 -5.91 0.22 -28.25
CA PHE A 240 -4.71 -0.38 -27.67
C PHE A 240 -5.08 -1.34 -26.55
N LEU A 241 -6.01 -0.93 -25.69
CA LEU A 241 -6.44 -1.76 -24.56
C LEU A 241 -7.30 -2.96 -24.98
N MET A 242 -7.90 -2.89 -26.17
CA MET A 242 -8.74 -3.98 -26.68
C MET A 242 -7.87 -5.14 -27.22
N ASN A 243 -6.85 -4.82 -27.99
CA ASN A 243 -6.00 -5.87 -28.54
C ASN A 243 -4.60 -5.42 -28.97
N GLY A 244 -4.37 -4.11 -28.99
CA GLY A 244 -3.06 -3.63 -29.37
C GLY A 244 -1.99 -4.04 -28.39
N TYR A 245 -2.36 -4.20 -27.13
CA TYR A 245 -1.42 -4.58 -26.09
C TYR A 245 -0.84 -5.98 -26.31
N LEU A 246 -1.52 -6.79 -27.12
CA LEU A 246 -1.05 -8.15 -27.38
C LEU A 246 0.14 -8.23 -28.34
N SER A 247 0.37 -7.18 -29.13
CA SER A 247 1.47 -7.16 -30.10
C SER A 247 2.83 -6.87 -29.46
N MET A 248 3.89 -7.08 -30.25
CA MET A 248 5.24 -6.83 -29.76
C MET A 248 5.41 -5.35 -29.44
N TYR A 249 4.75 -4.50 -30.23
CA TYR A 249 4.81 -3.07 -29.99
C TYR A 249 4.20 -2.82 -28.61
N GLY A 250 3.01 -3.39 -28.42
CA GLY A 250 2.31 -3.24 -27.15
C GLY A 250 3.17 -3.61 -25.96
N LYS A 251 3.83 -4.76 -26.05
CA LYS A 251 4.68 -5.20 -24.96
C LYS A 251 5.81 -4.22 -24.70
N ASP A 252 6.43 -3.71 -25.76
CA ASP A 252 7.51 -2.76 -25.61
C ASP A 252 7.00 -1.45 -25.02
N TYR A 253 5.87 -0.95 -25.53
CA TYR A 253 5.32 0.29 -25.00
C TYR A 253 5.01 0.20 -23.51
N LEU A 254 4.29 -0.85 -23.13
CA LEU A 254 3.94 -1.02 -21.71
C LEU A 254 5.18 -1.25 -20.85
N GLU A 255 6.23 -1.86 -21.41
CA GLU A 255 7.45 -2.10 -20.65
C GLU A 255 8.10 -0.76 -20.34
N TRP A 256 8.17 0.10 -21.34
CA TRP A 256 8.77 1.42 -21.17
C TRP A 256 7.94 2.24 -20.18
N TYR A 257 6.63 2.28 -20.42
CA TYR A 257 5.68 3.02 -19.60
C TYR A 257 5.79 2.68 -18.11
N GLN A 258 5.68 1.39 -17.76
CA GLN A 258 5.80 0.98 -16.37
C GLN A 258 7.24 1.18 -15.90
N GLY A 259 8.18 1.03 -16.83
CA GLY A 259 9.59 1.21 -16.51
C GLY A 259 9.89 2.57 -15.91
N ILE A 260 9.19 3.60 -16.38
CA ILE A 260 9.41 4.96 -15.87
C ILE A 260 9.12 5.03 -14.38
N LEU A 261 8.13 4.26 -13.93
CA LEU A 261 7.78 4.26 -12.50
C LEU A 261 8.78 3.46 -11.68
N GLU A 262 9.24 2.34 -12.24
CA GLU A 262 10.21 1.51 -11.54
C GLU A 262 11.51 2.27 -11.33
N ASN A 263 11.95 2.99 -12.37
CA ASN A 263 13.18 3.78 -12.24
C ASN A 263 13.00 4.90 -11.24
N HIS A 264 11.80 5.48 -11.22
CA HIS A 264 11.48 6.57 -10.30
C HIS A 264 11.56 6.01 -8.87
N THR A 265 11.03 4.81 -8.68
CA THR A 265 11.03 4.16 -7.37
C THR A 265 12.48 4.02 -6.90
N LYS A 266 13.35 3.51 -7.76
CA LYS A 266 14.75 3.33 -7.40
C LYS A 266 15.43 4.66 -7.08
N LEU A 267 15.06 5.72 -7.80
CA LEU A 267 15.66 7.03 -7.56
C LEU A 267 15.24 7.64 -6.23
N ILE A 268 13.94 7.69 -5.93
CA ILE A 268 13.54 8.28 -4.65
C ILE A 268 13.98 7.43 -3.48
N GLY A 269 14.08 6.11 -3.71
CA GLY A 269 14.55 5.22 -2.65
C GLY A 269 15.98 5.56 -2.28
N GLU A 270 16.81 5.80 -3.30
CA GLU A 270 18.20 6.14 -3.08
C GLU A 270 18.32 7.50 -2.39
N LEU A 271 17.58 8.49 -2.88
CA LEU A 271 17.64 9.83 -2.28
C LEU A 271 17.17 9.78 -0.82
N ALA A 272 16.09 9.07 -0.55
CA ALA A 272 15.55 8.96 0.80
C ALA A 272 16.51 8.26 1.76
N HIS A 273 17.05 7.12 1.35
CA HIS A 273 17.99 6.39 2.21
C HIS A 273 19.24 7.19 2.51
N ASN A 274 19.75 7.91 1.52
CA ASN A 274 20.94 8.73 1.72
C ASN A 274 20.68 9.83 2.74
N ALA A 275 19.48 10.41 2.70
CA ALA A 275 19.13 11.51 3.60
C ALA A 275 18.67 11.11 4.99
N PHE A 276 18.05 9.95 5.14
CA PHE A 276 17.52 9.54 6.44
C PHE A 276 18.20 8.38 7.20
N ASP A 277 18.77 7.42 6.47
CA ASP A 277 19.40 6.27 7.11
C ASP A 277 20.33 6.51 8.30
N THR A 278 21.24 7.46 8.20
CA THR A 278 22.13 7.69 9.32
C THR A 278 21.46 8.44 10.46
N THR A 279 20.66 9.45 10.12
CA THR A 279 19.97 10.26 11.12
C THR A 279 18.81 9.59 11.85
N PHE A 280 17.94 8.92 11.12
CA PHE A 280 16.77 8.28 11.74
C PHE A 280 16.83 6.77 11.91
N GLN A 281 17.43 6.06 10.96
CA GLN A 281 17.52 4.60 11.06
C GLN A 281 16.15 3.96 11.19
N VAL A 282 15.21 4.39 10.37
CA VAL A 282 13.85 3.86 10.39
C VAL A 282 13.50 3.34 9.00
N PRO A 283 12.53 2.42 8.90
CA PRO A 283 12.13 1.89 7.60
C PRO A 283 11.57 3.01 6.72
N ILE A 284 11.61 2.80 5.41
CA ILE A 284 11.08 3.78 4.46
C ILE A 284 10.19 3.02 3.47
N GLY A 285 9.10 3.66 3.03
CA GLY A 285 8.21 3.01 2.09
C GLY A 285 7.48 3.96 1.14
N ALA A 286 6.77 3.39 0.17
CA ALA A 286 6.00 4.16 -0.80
C ALA A 286 4.70 3.41 -1.01
N LYS A 287 3.74 4.02 -1.71
CA LYS A 287 2.44 3.37 -1.91
C LYS A 287 2.11 3.02 -3.35
N ILE A 288 1.36 1.93 -3.49
CA ILE A 288 0.87 1.48 -4.78
C ILE A 288 -0.65 1.60 -4.64
N ALA A 289 -1.29 2.19 -5.65
CA ALA A 289 -2.73 2.39 -5.63
C ALA A 289 -3.50 1.12 -5.96
N GLY A 290 -4.72 1.05 -5.46
CA GLY A 290 -5.56 -0.09 -5.74
C GLY A 290 -6.53 0.28 -6.86
N VAL A 291 -6.10 0.14 -8.10
CA VAL A 291 -6.95 0.48 -9.24
C VAL A 291 -7.73 -0.81 -9.57
N HIS A 292 -8.81 -1.02 -8.82
CA HIS A 292 -9.63 -2.21 -8.94
C HIS A 292 -10.71 -2.24 -10.02
N TRP A 293 -11.06 -1.10 -10.60
CA TRP A 293 -12.10 -1.10 -11.62
C TRP A 293 -11.61 -1.47 -13.00
N GLN A 294 -12.53 -2.02 -13.80
CA GLN A 294 -12.24 -2.48 -15.16
C GLN A 294 -11.22 -3.62 -15.14
N TYR A 295 -11.10 -4.29 -14.00
CA TYR A 295 -10.16 -5.38 -13.83
C TYR A 295 -10.47 -6.55 -14.76
N ASN A 296 -11.71 -7.03 -14.72
CA ASN A 296 -12.11 -8.14 -15.57
C ASN A 296 -13.05 -7.74 -16.71
N ASN A 297 -12.86 -6.55 -17.27
CA ASN A 297 -13.68 -6.11 -18.39
C ASN A 297 -13.21 -6.96 -19.58
N PRO A 298 -14.12 -7.71 -20.21
CA PRO A 298 -13.73 -8.55 -21.37
C PRO A 298 -13.26 -7.76 -22.58
N THR A 299 -13.85 -6.58 -22.79
CA THR A 299 -13.49 -5.74 -23.92
C THR A 299 -12.14 -5.05 -23.73
N ILE A 300 -11.91 -4.45 -22.56
CA ILE A 300 -10.64 -3.77 -22.29
C ILE A 300 -10.06 -4.25 -20.97
N PRO A 301 -9.56 -5.50 -20.93
CA PRO A 301 -8.98 -6.06 -19.71
C PRO A 301 -8.00 -5.14 -18.98
N HIS A 302 -8.18 -5.02 -17.66
CA HIS A 302 -7.34 -4.17 -16.83
C HIS A 302 -7.28 -2.77 -17.45
N GLY A 303 -8.44 -2.33 -17.92
CA GLY A 303 -8.59 -1.05 -18.58
C GLY A 303 -8.23 0.18 -17.79
N ALA A 304 -8.14 0.06 -16.46
CA ALA A 304 -7.78 1.22 -15.63
C ALA A 304 -6.37 1.07 -15.09
N GLU A 305 -5.95 -0.16 -14.79
CA GLU A 305 -4.61 -0.41 -14.26
C GLU A 305 -3.47 -0.05 -15.23
N LYS A 306 -3.55 -0.58 -16.46
CA LYS A 306 -2.51 -0.32 -17.43
C LYS A 306 -2.24 1.18 -17.67
N PRO A 307 -3.30 2.00 -17.86
CA PRO A 307 -3.03 3.43 -18.10
C PRO A 307 -2.42 4.08 -16.85
N ALA A 308 -2.69 3.51 -15.67
CA ALA A 308 -2.15 4.05 -14.42
C ALA A 308 -0.68 3.67 -14.26
N GLY A 309 -0.24 2.69 -15.06
CA GLY A 309 1.15 2.25 -15.02
C GLY A 309 1.36 0.82 -14.53
N TYR A 310 0.29 0.14 -14.16
CA TYR A 310 0.40 -1.22 -13.65
C TYR A 310 0.10 -2.31 -14.68
N ASN A 311 1.15 -2.89 -15.26
CA ASN A 311 0.95 -3.94 -16.23
C ASN A 311 1.51 -5.27 -15.74
N ASP A 312 2.60 -5.20 -14.96
CA ASP A 312 3.22 -6.40 -14.42
C ASP A 312 3.62 -6.09 -12.98
N TYR A 313 2.75 -6.44 -12.03
CA TYR A 313 3.00 -6.16 -10.62
C TYR A 313 4.25 -6.83 -10.07
N SER A 314 4.52 -8.05 -10.52
CA SER A 314 5.71 -8.76 -10.03
C SER A 314 6.97 -7.97 -10.35
N HIS A 315 7.04 -7.48 -11.57
CA HIS A 315 8.19 -6.73 -12.03
C HIS A 315 8.22 -5.40 -11.28
N LEU A 316 7.05 -4.83 -11.04
CA LEU A 316 6.94 -3.55 -10.34
C LEU A 316 7.48 -3.67 -8.91
N LEU A 317 7.11 -4.74 -8.22
CA LEU A 317 7.55 -4.94 -6.85
C LEU A 317 9.04 -5.19 -6.71
N ASP A 318 9.66 -5.81 -7.73
CA ASP A 318 11.11 -6.06 -7.67
C ASP A 318 11.83 -4.73 -7.54
N ALA A 319 11.25 -3.68 -8.11
CA ALA A 319 11.87 -2.36 -8.03
C ALA A 319 11.84 -1.89 -6.58
N PHE A 320 10.78 -2.24 -5.86
CA PHE A 320 10.65 -1.86 -4.46
C PHE A 320 11.70 -2.59 -3.61
N LYS A 321 11.78 -3.90 -3.79
CA LYS A 321 12.75 -4.68 -3.03
C LYS A 321 14.16 -4.16 -3.31
N SER A 322 14.40 -3.85 -4.57
CA SER A 322 15.68 -3.33 -5.00
C SER A 322 16.00 -1.97 -4.36
N ALA A 323 15.01 -1.10 -4.27
CA ALA A 323 15.21 0.22 -3.67
C ALA A 323 15.19 0.21 -2.15
N LYS A 324 14.93 -0.96 -1.56
CA LYS A 324 14.85 -1.10 -0.10
C LYS A 324 13.73 -0.25 0.47
N LEU A 325 12.54 -0.40 -0.13
CA LEU A 325 11.36 0.33 0.30
C LEU A 325 10.23 -0.64 0.62
N ASP A 326 9.50 -0.38 1.71
CA ASP A 326 8.37 -1.22 2.06
C ASP A 326 7.23 -0.74 1.17
N VAL A 327 6.21 -1.57 1.01
CA VAL A 327 5.08 -1.23 0.16
C VAL A 327 3.77 -1.10 0.96
N THR A 328 2.92 -0.17 0.54
CA THR A 328 1.62 0.04 1.16
C THR A 328 0.58 -0.12 0.05
N PHE A 329 -0.41 -0.97 0.27
N PHE A 329 -0.39 -0.98 0.28
CA PHE A 329 -1.46 -1.14 -0.73
CA PHE A 329 -1.44 -1.23 -0.70
C PHE A 329 -2.76 -0.58 -0.16
C PHE A 329 -2.81 -0.94 -0.07
N THR A 330 -3.82 -0.58 -0.96
N THR A 330 -3.75 -0.45 -0.89
CA THR A 330 -5.10 -0.03 -0.50
CA THR A 330 -5.08 -0.11 -0.41
C THR A 330 -6.29 -0.97 -0.75
C THR A 330 -6.20 -0.95 -1.02
N CYS A 331 -7.49 -0.45 -0.51
N CYS A 331 -7.41 -0.83 -0.47
CA CYS A 331 -8.73 -1.21 -0.71
CA CYS A 331 -8.61 -1.55 -0.91
C CYS A 331 -8.82 -2.52 0.06
C CYS A 331 -8.91 -2.76 -0.04
N LEU A 332 -8.24 -2.56 1.26
N LEU A 332 -8.22 -2.88 1.08
CA LEU A 332 -8.30 -3.79 2.05
CA LEU A 332 -8.43 -4.02 1.98
C LEU A 332 -9.68 -4.04 2.64
C LEU A 332 -9.87 -4.16 2.47
N GLU A 333 -10.59 -3.08 2.50
N GLU A 333 -10.61 -3.06 2.55
CA GLU A 333 -11.93 -3.22 3.05
CA GLU A 333 -11.98 -3.10 3.05
C GLU A 333 -13.01 -3.65 2.05
C GLU A 333 -13.07 -3.48 2.04
N MET A 334 -12.69 -3.60 0.77
CA MET A 334 -13.67 -3.95 -0.27
C MET A 334 -13.75 -5.44 -0.65
N THR A 335 -14.82 -5.82 -1.34
CA THR A 335 -14.99 -7.20 -1.78
C THR A 335 -15.17 -7.24 -3.29
N ASP A 336 -14.96 -8.42 -3.88
CA ASP A 336 -15.10 -8.57 -5.32
C ASP A 336 -16.52 -8.44 -5.83
N LYS A 337 -16.66 -7.89 -7.04
CA LYS A 337 -17.95 -7.73 -7.71
C LYS A 337 -17.77 -8.28 -9.11
N GLY A 338 -16.90 -7.63 -9.89
CA GLY A 338 -16.62 -8.07 -11.25
C GLY A 338 -17.78 -8.08 -12.22
N SER A 339 -18.76 -7.21 -12.00
CA SER A 339 -19.91 -7.16 -12.88
C SER A 339 -20.01 -5.82 -13.60
N TYR A 340 -20.62 -5.85 -14.78
CA TYR A 340 -20.83 -4.66 -15.60
C TYR A 340 -21.56 -3.61 -14.76
N PRO A 341 -21.17 -2.33 -14.86
CA PRO A 341 -20.12 -1.75 -15.71
C PRO A 341 -18.75 -1.52 -15.05
N GLU A 342 -18.68 -1.57 -13.72
CA GLU A 342 -17.42 -1.32 -13.03
C GLU A 342 -16.37 -2.41 -13.14
N TYR A 343 -16.79 -3.66 -13.32
CA TYR A 343 -15.86 -4.79 -13.40
C TYR A 343 -14.79 -4.65 -12.32
N SER A 344 -15.24 -4.47 -11.09
CA SER A 344 -14.37 -4.27 -9.93
C SER A 344 -14.01 -5.54 -9.14
N MET A 345 -12.71 -5.79 -8.99
CA MET A 345 -12.21 -6.96 -8.26
C MET A 345 -11.11 -6.55 -7.26
N PRO A 346 -11.46 -5.70 -6.28
CA PRO A 346 -10.51 -5.21 -5.26
C PRO A 346 -9.85 -6.28 -4.41
N LYS A 347 -10.65 -7.25 -3.96
CA LYS A 347 -10.12 -8.31 -3.09
C LYS A 347 -9.17 -9.23 -3.83
N THR A 348 -9.56 -9.66 -5.03
CA THR A 348 -8.70 -10.52 -5.82
C THR A 348 -7.38 -9.78 -6.03
N LEU A 349 -7.47 -8.47 -6.27
CA LEU A 349 -6.30 -7.64 -6.48
C LEU A 349 -5.39 -7.63 -5.25
N VAL A 350 -5.96 -7.32 -4.10
CA VAL A 350 -5.19 -7.29 -2.85
C VAL A 350 -4.53 -8.63 -2.56
N GLN A 351 -5.23 -9.72 -2.86
CA GLN A 351 -4.69 -11.05 -2.62
C GLN A 351 -3.46 -11.33 -3.49
N ASN A 352 -3.52 -10.90 -4.74
CA ASN A 352 -2.41 -11.08 -5.66
C ASN A 352 -1.19 -10.30 -5.23
N ILE A 353 -1.39 -9.03 -4.86
CA ILE A 353 -0.31 -8.17 -4.42
C ILE A 353 0.36 -8.70 -3.15
N ALA A 354 -0.46 -9.10 -2.18
CA ALA A 354 0.06 -9.63 -0.93
C ALA A 354 0.89 -10.88 -1.18
N THR A 355 0.37 -11.78 -2.02
CA THR A 355 1.08 -13.02 -2.33
C THR A 355 2.44 -12.71 -2.93
N LEU A 356 2.47 -11.83 -3.93
CA LEU A 356 3.74 -11.46 -4.55
C LEU A 356 4.70 -10.83 -3.56
N ALA A 357 4.20 -9.89 -2.76
CA ALA A 357 5.02 -9.20 -1.77
C ALA A 357 5.69 -10.18 -0.82
N ASN A 358 4.93 -11.15 -0.33
CA ASN A 358 5.46 -12.13 0.60
C ASN A 358 6.51 -13.03 -0.03
N GLU A 359 6.31 -13.40 -1.29
CA GLU A 359 7.27 -14.25 -1.98
C GLU A 359 8.61 -13.55 -2.10
N LYS A 360 8.57 -12.25 -2.40
CA LYS A 360 9.80 -11.48 -2.56
C LYS A 360 10.39 -11.01 -1.24
N GLY A 361 9.63 -11.20 -0.16
CA GLY A 361 10.11 -10.79 1.15
C GLY A 361 10.01 -9.29 1.38
N ILE A 362 9.01 -8.66 0.79
CA ILE A 362 8.81 -7.23 0.96
C ILE A 362 7.81 -6.98 2.08
N VAL A 363 8.16 -6.09 3.01
CA VAL A 363 7.28 -5.77 4.13
C VAL A 363 6.02 -5.12 3.57
N LEU A 364 4.88 -5.71 3.89
CA LEU A 364 3.60 -5.26 3.38
C LEU A 364 2.69 -4.55 4.38
N ASN A 365 2.20 -3.38 3.99
CA ASN A 365 1.30 -2.57 4.83
C ASN A 365 0.03 -2.27 4.05
N GLY A 366 -1.09 -2.08 4.75
CA GLY A 366 -2.33 -1.80 4.05
C GLY A 366 -3.10 -0.59 4.56
N GLU A 367 -4.09 -0.17 3.79
CA GLU A 367 -4.95 0.96 4.14
C GLU A 367 -6.32 0.68 3.53
N ASN A 368 -7.34 1.38 4.01
CA ASN A 368 -8.67 1.24 3.45
C ASN A 368 -8.76 2.38 2.43
N ALA A 369 -9.46 2.16 1.33
CA ALA A 369 -9.58 3.18 0.29
C ALA A 369 -10.61 4.26 0.64
N LEU A 370 -11.76 3.84 1.17
CA LEU A 370 -12.84 4.76 1.54
C LEU A 370 -13.14 4.70 3.02
N SER A 371 -13.77 5.74 3.54
CA SER A 371 -14.13 5.79 4.95
C SER A 371 -14.99 4.60 5.31
N ILE A 372 -14.76 4.06 6.50
CA ILE A 372 -15.51 2.91 6.99
C ILE A 372 -16.51 3.41 8.03
N GLY A 373 -17.78 3.13 7.81
CA GLY A 373 -18.79 3.57 8.76
C GLY A 373 -19.58 2.42 9.32
N ASN A 374 -19.01 1.23 9.26
CA ASN A 374 -19.69 0.06 9.75
C ASN A 374 -18.74 -1.08 10.11
N GLU A 375 -19.05 -1.76 11.20
CA GLU A 375 -18.26 -2.88 11.71
C GLU A 375 -17.92 -3.94 10.67
N GLU A 376 -18.85 -4.21 9.76
CA GLU A 376 -18.65 -5.22 8.74
C GLU A 376 -17.36 -5.00 7.93
N GLU A 377 -17.03 -3.75 7.63
CA GLU A 377 -15.82 -3.45 6.87
C GLU A 377 -14.56 -3.77 7.67
N TYR A 378 -14.57 -3.47 8.96
CA TYR A 378 -13.42 -3.76 9.80
C TYR A 378 -13.11 -5.25 9.73
N LYS A 379 -14.16 -6.05 9.68
CA LYS A 379 -14.02 -7.51 9.60
C LYS A 379 -13.28 -7.92 8.33
N ARG A 380 -13.64 -7.32 7.20
CA ARG A 380 -12.95 -7.65 5.96
C ARG A 380 -11.49 -7.23 6.04
N VAL A 381 -11.23 -6.05 6.59
CA VAL A 381 -9.85 -5.58 6.71
C VAL A 381 -9.07 -6.62 7.54
N ALA A 382 -9.63 -6.99 8.68
CA ALA A 382 -9.00 -7.97 9.57
C ALA A 382 -8.69 -9.28 8.84
N GLU A 383 -9.62 -9.74 8.00
CA GLU A 383 -9.42 -10.99 7.27
C GLU A 383 -8.17 -10.92 6.40
N MET A 384 -8.04 -9.85 5.63
CA MET A 384 -6.90 -9.68 4.73
C MET A 384 -5.61 -9.44 5.50
N ALA A 385 -5.65 -8.50 6.43
CA ALA A 385 -4.48 -8.16 7.22
C ALA A 385 -3.87 -9.32 7.98
N PHE A 386 -4.68 -10.01 8.77
CA PHE A 386 -4.19 -11.11 9.59
C PHE A 386 -3.98 -12.45 8.89
N ASN A 387 -4.51 -12.61 7.68
CA ASN A 387 -4.29 -13.87 6.97
C ASN A 387 -3.36 -13.75 5.76
N TYR A 388 -2.85 -12.54 5.49
CA TYR A 388 -1.92 -12.35 4.38
C TYR A 388 -0.61 -11.70 4.80
N ASN A 389 -0.31 -11.86 6.08
CA ASN A 389 0.93 -11.38 6.66
C ASN A 389 1.22 -9.87 6.64
N PHE A 390 0.20 -9.03 6.76
CA PHE A 390 0.45 -7.59 6.76
C PHE A 390 1.18 -7.17 8.04
N ALA A 391 2.14 -6.25 7.92
CA ALA A 391 2.89 -5.77 9.08
C ALA A 391 2.25 -4.54 9.66
N GLY A 392 1.32 -3.94 8.93
CA GLY A 392 0.67 -2.76 9.45
C GLY A 392 -0.59 -2.37 8.71
N PHE A 393 -1.44 -1.62 9.39
CA PHE A 393 -2.68 -1.15 8.80
C PHE A 393 -2.89 0.29 9.24
N THR A 394 -3.11 1.16 8.26
CA THR A 394 -3.35 2.57 8.52
C THR A 394 -4.81 2.86 8.22
N LEU A 395 -5.52 3.43 9.19
CA LEU A 395 -6.92 3.75 8.98
C LEU A 395 -7.15 5.17 8.48
N LEU A 396 -7.87 5.29 7.37
CA LEU A 396 -8.25 6.58 6.83
C LEU A 396 -9.71 6.69 7.28
N ARG A 397 -10.06 7.71 8.06
CA ARG A 397 -9.16 8.76 8.51
C ARG A 397 -9.60 9.29 9.88
N TYR A 398 -8.66 9.91 10.59
CA TYR A 398 -8.82 10.52 11.92
C TYR A 398 -10.23 10.69 12.49
N GLN A 399 -10.98 11.64 11.93
CA GLN A 399 -12.32 11.98 12.38
C GLN A 399 -13.33 10.83 12.42
N ASP A 400 -13.25 9.92 11.45
CA ASP A 400 -14.18 8.79 11.38
C ASP A 400 -14.31 8.02 12.69
N VAL A 401 -13.22 7.92 13.44
CA VAL A 401 -13.27 7.20 14.71
C VAL A 401 -13.10 8.12 15.92
N MET A 402 -12.45 9.26 15.73
CA MET A 402 -12.24 10.17 16.84
C MET A 402 -13.54 10.81 17.35
N TYR A 403 -14.55 10.90 16.48
CA TYR A 403 -15.81 11.49 16.88
C TYR A 403 -16.95 10.47 16.86
N ASN A 404 -16.58 9.21 16.94
CA ASN A 404 -17.58 8.14 16.93
C ASN A 404 -17.11 7.02 17.86
N ASN A 405 -17.48 7.15 19.13
CA ASN A 405 -17.09 6.20 20.17
C ASN A 405 -17.40 4.73 19.88
N SER A 406 -18.56 4.45 19.30
CA SER A 406 -18.93 3.06 19.01
C SER A 406 -18.06 2.44 17.92
N LEU A 407 -17.75 3.23 16.90
CA LEU A 407 -16.91 2.74 15.81
C LEU A 407 -15.49 2.56 16.32
N MET A 408 -15.02 3.48 17.15
CA MET A 408 -13.68 3.40 17.72
C MET A 408 -13.55 2.11 18.53
N GLY A 409 -14.60 1.77 19.25
CA GLY A 409 -14.60 0.57 20.07
C GLY A 409 -14.56 -0.68 19.22
N LYS A 410 -15.20 -0.65 18.06
CA LYS A 410 -15.20 -1.81 17.19
C LYS A 410 -13.85 -1.96 16.52
N PHE A 411 -13.14 -0.84 16.32
CA PHE A 411 -11.82 -0.89 15.72
C PHE A 411 -10.84 -1.47 16.74
N LYS A 412 -10.94 -1.01 17.98
CA LYS A 412 -10.06 -1.49 19.03
C LYS A 412 -10.16 -3.01 19.18
N ASP A 413 -11.38 -3.51 19.20
CA ASP A 413 -11.60 -4.95 19.34
C ASP A 413 -11.11 -5.76 18.14
N LEU A 414 -11.40 -5.28 16.93
CA LEU A 414 -11.02 -6.01 15.73
C LEU A 414 -9.66 -5.74 15.12
N LEU A 415 -9.19 -4.50 15.21
CA LEU A 415 -7.93 -4.15 14.58
C LEU A 415 -6.84 -3.52 15.46
N GLY A 416 -7.22 -2.95 16.61
CA GLY A 416 -6.21 -2.35 17.47
C GLY A 416 -5.65 -3.37 18.45
N VAL A 417 -5.20 -4.51 17.91
CA VAL A 417 -4.67 -5.60 18.72
C VAL A 417 -3.15 -5.66 18.81
N THR A 418 -2.67 -6.16 19.94
CA THR A 418 -1.24 -6.32 20.18
C THR A 418 -0.97 -7.82 20.02
N PRO A 419 -0.15 -8.20 19.03
CA PRO A 419 0.11 -9.63 18.86
C PRO A 419 1.04 -10.16 19.97
N VAL A 420 0.71 -11.33 20.51
CA VAL A 420 1.51 -11.95 21.56
C VAL A 420 1.68 -13.43 21.27
N MET A 421 2.91 -13.93 21.40
CA MET A 421 3.21 -15.33 21.13
C MET A 421 2.70 -16.21 22.28
N GLN A 422 2.06 -17.32 21.93
CA GLN A 422 1.53 -18.24 22.93
C GLN A 422 1.76 -19.67 22.45
N THR A 423 1.85 -20.60 23.37
CA THR A 423 2.05 -22.00 23.00
C THR A 423 0.75 -22.75 23.13
N ILE A 424 0.35 -23.42 22.06
CA ILE A 424 -0.86 -24.21 22.06
C ILE A 424 -0.46 -25.67 22.11
N VAL A 425 -1.02 -26.42 23.06
CA VAL A 425 -0.72 -27.84 23.22
C VAL A 425 -2.01 -28.65 23.18
N VAL A 426 -2.06 -29.66 22.30
CA VAL A 426 -3.24 -30.49 22.18
C VAL A 426 -2.82 -31.94 22.43
N LYS A 427 -3.41 -32.55 23.45
CA LYS A 427 -3.06 -33.93 23.79
C LYS A 427 -4.09 -34.98 23.36
N ASN A 428 -3.65 -36.23 23.34
CA ASN A 428 -4.51 -37.36 22.99
C ASN A 428 -5.10 -37.29 21.59
N VAL A 429 -4.34 -36.76 20.63
CA VAL A 429 -4.81 -36.67 19.25
C VAL A 429 -4.60 -38.00 18.53
N PRO A 430 -5.68 -38.58 17.99
CA PRO A 430 -5.66 -39.87 17.27
C PRO A 430 -5.14 -39.78 15.84
N THR A 431 -3.95 -39.22 15.69
CA THR A 431 -3.35 -39.08 14.37
C THR A 431 -2.81 -40.41 13.87
N THR A 432 -2.96 -40.64 12.56
CA THR A 432 -2.44 -41.85 11.93
C THR A 432 -1.28 -41.41 11.06
N ILE A 433 -0.61 -42.36 10.43
CA ILE A 433 0.52 -42.05 9.57
C ILE A 433 0.12 -41.12 8.42
N GLY A 434 0.80 -39.98 8.33
CA GLY A 434 0.50 -39.02 7.27
C GLY A 434 -0.40 -37.85 7.68
N ASP A 435 -1.08 -37.97 8.81
CA ASP A 435 -1.96 -36.90 9.29
C ASP A 435 -1.22 -35.71 9.87
N THR A 436 -1.84 -34.53 9.77
CA THR A 436 -1.31 -33.30 10.33
C THR A 436 -2.41 -32.65 11.15
N VAL A 437 -2.02 -31.92 12.20
CA VAL A 437 -3.00 -31.25 13.05
C VAL A 437 -2.89 -29.73 12.91
N TYR A 438 -4.04 -29.08 12.78
CA TYR A 438 -4.14 -27.63 12.66
C TYR A 438 -5.15 -27.11 13.67
N ILE A 439 -5.20 -25.79 13.83
CA ILE A 439 -6.18 -25.17 14.70
C ILE A 439 -6.80 -24.04 13.91
N THR A 440 -8.04 -23.74 14.21
CA THR A 440 -8.73 -22.64 13.54
C THR A 440 -9.68 -22.07 14.57
N GLY A 441 -9.91 -20.77 14.51
CA GLY A 441 -10.78 -20.14 15.50
C GLY A 441 -11.77 -19.12 14.93
N ASN A 442 -12.50 -18.49 15.83
CA ASN A 442 -13.52 -17.52 15.43
C ASN A 442 -12.99 -16.20 14.88
N ARG A 443 -11.91 -15.68 15.45
CA ARG A 443 -11.36 -14.42 14.96
C ARG A 443 -10.52 -14.57 13.69
N ALA A 444 -10.37 -13.47 12.95
CA ALA A 444 -9.60 -13.47 11.71
C ALA A 444 -8.17 -13.91 11.96
N GLU A 445 -7.58 -13.48 13.07
CA GLU A 445 -6.21 -13.87 13.35
C GLU A 445 -6.09 -15.39 13.55
N LEU A 446 -7.23 -16.07 13.54
CA LEU A 446 -7.27 -17.54 13.69
C LEU A 446 -7.88 -18.24 12.48
N GLY A 447 -8.10 -17.50 11.39
CA GLY A 447 -8.66 -18.10 10.19
C GLY A 447 -10.17 -18.11 10.08
N SER A 448 -10.85 -17.49 11.04
CA SER A 448 -12.32 -17.45 11.03
C SER A 448 -12.97 -18.78 10.65
N TRP A 449 -12.60 -19.85 11.36
CA TRP A 449 -13.15 -21.18 11.12
C TRP A 449 -12.90 -21.79 9.74
N ASP A 450 -11.88 -21.30 9.03
CA ASP A 450 -11.55 -21.81 7.70
C ASP A 450 -10.54 -22.94 7.82
N THR A 451 -10.79 -24.04 7.11
CA THR A 451 -9.89 -25.20 7.15
C THR A 451 -9.20 -25.42 5.81
N LYS A 452 -9.58 -24.63 4.82
CA LYS A 452 -9.02 -24.76 3.47
C LYS A 452 -7.72 -23.98 3.27
N GLN A 453 -7.78 -22.67 3.47
CA GLN A 453 -6.60 -21.83 3.27
C GLN A 453 -5.96 -21.20 4.49
N TYR A 454 -6.75 -20.86 5.50
CA TYR A 454 -6.18 -20.18 6.66
C TYR A 454 -5.84 -20.91 7.96
N PRO A 455 -6.03 -22.24 8.03
CA PRO A 455 -5.70 -22.88 9.31
C PRO A 455 -4.23 -22.78 9.72
N ILE A 456 -4.01 -22.74 11.03
CA ILE A 456 -2.68 -22.63 11.61
C ILE A 456 -2.16 -24.02 11.97
N GLN A 457 -1.04 -24.39 11.37
CA GLN A 457 -0.44 -25.71 11.57
C GLN A 457 0.26 -25.91 12.93
N LEU A 458 0.14 -27.13 13.45
CA LEU A 458 0.75 -27.50 14.73
C LEU A 458 1.84 -28.55 14.45
N TYR A 459 2.75 -28.76 15.40
CA TYR A 459 3.84 -29.71 15.23
C TYR A 459 3.92 -30.81 16.28
N TYR A 460 3.94 -32.06 15.81
CA TYR A 460 4.01 -33.20 16.69
C TYR A 460 5.27 -33.20 17.55
N ASP A 461 5.10 -33.57 18.82
CA ASP A 461 6.19 -33.65 19.78
C ASP A 461 6.34 -35.13 20.15
N SER A 462 7.33 -35.80 19.55
CA SER A 462 7.58 -37.22 19.79
C SER A 462 7.89 -37.59 21.24
N HIS A 463 8.46 -36.66 21.99
CA HIS A 463 8.81 -36.91 23.39
C HIS A 463 7.64 -36.94 24.36
N SER A 464 6.64 -36.07 24.14
CA SER A 464 5.48 -36.01 25.02
C SER A 464 4.24 -36.55 24.31
N ASN A 465 4.43 -37.03 23.09
CA ASN A 465 3.35 -37.59 22.29
C ASN A 465 2.12 -36.68 22.13
N ASP A 466 2.35 -35.39 21.90
CA ASP A 466 1.26 -34.45 21.69
C ASP A 466 1.60 -33.47 20.58
N TRP A 467 0.64 -32.64 20.19
CA TRP A 467 0.88 -31.66 19.13
C TRP A 467 0.91 -30.25 19.70
N ARG A 468 1.88 -29.46 19.27
CA ARG A 468 2.01 -28.09 19.77
C ARG A 468 2.63 -27.13 18.77
N GLY A 469 2.65 -25.85 19.15
CA GLY A 469 3.24 -24.83 18.28
C GLY A 469 3.08 -23.44 18.87
N ASN A 470 4.00 -22.54 18.52
CA ASN A 470 3.93 -21.17 19.00
C ASN A 470 3.11 -20.38 17.99
N VAL A 471 1.97 -19.87 18.43
CA VAL A 471 1.07 -19.12 17.56
C VAL A 471 0.96 -17.67 18.02
N VAL A 472 0.89 -16.76 17.06
CA VAL A 472 0.75 -15.34 17.38
C VAL A 472 -0.74 -15.07 17.58
N LEU A 473 -1.09 -14.51 18.74
CA LEU A 473 -2.49 -14.23 19.05
C LEU A 473 -2.73 -12.79 19.47
N PRO A 474 -3.99 -12.33 19.38
CA PRO A 474 -4.32 -10.96 19.78
C PRO A 474 -4.46 -10.89 21.28
N ALA A 475 -3.58 -10.13 21.93
CA ALA A 475 -3.60 -9.99 23.38
C ALA A 475 -4.88 -9.38 23.92
N GLU A 476 -5.32 -9.89 25.06
CA GLU A 476 -6.53 -9.42 25.75
C GLU A 476 -7.81 -9.46 24.94
N ARG A 477 -7.99 -10.52 24.17
CA ARG A 477 -9.20 -10.69 23.38
C ARG A 477 -9.68 -12.10 23.64
N ASN A 478 -10.99 -12.31 23.57
CA ASN A 478 -11.54 -13.62 23.80
C ASN A 478 -11.47 -14.40 22.49
N ILE A 479 -11.10 -15.66 22.56
CA ILE A 479 -11.01 -16.48 21.37
C ILE A 479 -11.58 -17.85 21.63
N GLU A 480 -12.06 -18.46 20.55
CA GLU A 480 -12.60 -19.80 20.60
C GLU A 480 -11.92 -20.50 19.44
N PHE A 481 -11.55 -21.75 19.67
CA PHE A 481 -10.87 -22.52 18.63
C PHE A 481 -10.98 -24.01 18.85
N LYS A 482 -10.61 -24.77 17.84
CA LYS A 482 -10.62 -26.21 17.89
C LYS A 482 -9.50 -26.71 16.99
N ALA A 483 -8.92 -27.83 17.38
CA ALA A 483 -7.88 -28.43 16.55
C ALA A 483 -8.62 -29.43 15.67
N PHE A 484 -8.03 -29.80 14.54
CA PHE A 484 -8.63 -30.77 13.66
C PHE A 484 -7.52 -31.51 12.94
N ILE A 485 -7.84 -32.69 12.40
CA ILE A 485 -6.84 -33.49 11.71
C ILE A 485 -7.05 -33.40 10.22
N LYS A 486 -5.96 -33.26 9.48
CA LYS A 486 -6.00 -33.17 8.03
C LYS A 486 -5.24 -34.38 7.49
N SER A 487 -5.91 -35.18 6.68
CA SER A 487 -5.29 -36.35 6.09
C SER A 487 -4.21 -35.93 5.11
N LYS A 488 -3.33 -36.86 4.76
CA LYS A 488 -2.24 -36.58 3.84
C LYS A 488 -2.71 -36.04 2.50
N ASP A 489 -3.96 -36.32 2.14
CA ASP A 489 -4.50 -35.85 0.87
C ASP A 489 -5.08 -34.44 0.95
N GLY A 490 -5.38 -33.98 2.16
CA GLY A 490 -5.92 -32.64 2.32
C GLY A 490 -7.34 -32.53 2.84
N THR A 491 -7.98 -33.65 3.14
CA THR A 491 -9.33 -33.63 3.66
C THR A 491 -9.35 -33.61 5.18
N VAL A 492 -10.33 -32.91 5.75
CA VAL A 492 -10.45 -32.83 7.20
C VAL A 492 -11.05 -34.15 7.68
N LYS A 493 -10.27 -34.89 8.47
CA LYS A 493 -10.72 -36.18 8.98
C LYS A 493 -11.56 -36.12 10.25
N SER A 494 -11.27 -35.18 11.14
CA SER A 494 -12.05 -35.08 12.37
C SER A 494 -11.71 -33.81 13.16
N TRP A 495 -12.52 -33.54 14.19
CA TRP A 495 -12.34 -32.35 15.01
C TRP A 495 -12.14 -32.69 16.48
N GLN A 496 -11.63 -31.71 17.23
CA GLN A 496 -11.41 -31.84 18.66
C GLN A 496 -12.81 -31.96 19.26
N THR A 497 -12.95 -32.81 20.28
CA THR A 497 -14.25 -33.02 20.91
C THR A 497 -14.94 -31.75 21.39
N ILE A 498 -14.27 -31.03 22.30
CA ILE A 498 -14.85 -29.82 22.86
C ILE A 498 -14.18 -28.54 22.37
N GLN A 499 -15.00 -27.54 22.07
CA GLN A 499 -14.47 -26.27 21.61
C GLN A 499 -13.70 -25.62 22.74
N GLN A 500 -12.50 -25.15 22.42
CA GLN A 500 -11.67 -24.50 23.42
C GLN A 500 -11.87 -23.00 23.41
N SER A 501 -11.37 -22.32 24.43
CA SER A 501 -11.50 -20.89 24.48
C SER A 501 -10.44 -20.32 25.41
N TRP A 502 -10.14 -19.05 25.22
CA TRP A 502 -9.17 -18.36 26.05
C TRP A 502 -9.80 -16.99 26.24
N ASN A 503 -10.41 -16.77 27.41
CA ASN A 503 -11.10 -15.52 27.70
C ASN A 503 -10.50 -14.72 28.86
N PRO A 504 -9.57 -13.80 28.56
CA PRO A 504 -9.07 -13.54 27.22
C PRO A 504 -7.66 -14.10 27.09
N VAL A 505 -7.00 -13.84 25.96
CA VAL A 505 -5.62 -14.28 25.76
C VAL A 505 -4.76 -13.40 26.64
N PRO A 506 -3.92 -14.00 27.51
CA PRO A 506 -3.06 -13.21 28.38
C PRO A 506 -2.02 -12.44 27.59
N LEU A 507 -1.56 -11.31 28.13
CA LEU A 507 -0.56 -10.54 27.41
C LEU A 507 0.86 -11.02 27.67
N LYS A 508 1.00 -12.00 28.56
CA LYS A 508 2.32 -12.55 28.86
C LYS A 508 2.35 -13.94 28.21
N THR A 509 3.48 -14.30 27.60
CA THR A 509 3.57 -15.60 26.96
C THR A 509 3.47 -16.72 27.97
N THR A 510 2.56 -17.64 27.70
CA THR A 510 2.32 -18.79 28.56
C THR A 510 1.88 -19.91 27.61
N SER A 511 0.99 -20.79 28.05
CA SER A 511 0.55 -21.86 27.18
C SER A 511 -0.85 -22.34 27.52
N HIS A 512 -1.54 -22.80 26.49
CA HIS A 512 -2.89 -23.30 26.64
C HIS A 512 -2.87 -24.76 26.26
N THR A 513 -3.15 -25.62 27.24
CA THR A 513 -3.17 -27.05 27.00
C THR A 513 -4.58 -27.59 27.10
N SER A 514 -4.96 -28.43 26.14
CA SER A 514 -6.28 -29.02 26.13
C SER A 514 -6.15 -30.44 25.57
N SER A 515 -7.22 -31.20 25.70
CA SER A 515 -7.21 -32.57 25.20
C SER A 515 -8.19 -32.75 24.06
N TRP A 516 -7.90 -33.71 23.22
CA TRP A 516 -8.74 -34.03 22.09
C TRP A 516 -10.07 -34.53 22.63
#